data_2QKW
#
_entry.id   2QKW
#
_cell.length_a   75.465
_cell.length_b   94.591
_cell.length_c   98.741
_cell.angle_alpha   90.00
_cell.angle_beta   90.00
_cell.angle_gamma   90.00
#
_symmetry.space_group_name_H-M   'P 21 21 21'
#
loop_
_entity.id
_entity.type
_entity.pdbx_description
1 polymer 'Avirulence protein'
2 polymer 'Protein kinase'
#
loop_
_entity_poly.entity_id
_entity_poly.type
_entity_poly.pdbx_seq_one_letter_code
_entity_poly.pdbx_strand_id
1 'polypeptide(L)'
;MGNICVGGSRMAHQVNSPDRVSNNSGDEDNVTSSQLLSVRHQLAESAGLPRDQHEFVSSQAPQSLRNRYNNLYSHTQRTL
DMADMQHRYMTGASGINPGMLPHENVDDMRSAITDWSDMREALQHAMGIHADIPPSPERFVATMNPSGSIRMSTLSPSPY
RNWQ
;
A
2 'polypeptide(L)'
;MGSKYSKATNSINDALSSSYLVPFESYRVPLVDLEEATNNFDHKFLIGHGVFGKVYKGVLRDGAKVALKRRTPESSQGIE
EFETEIETLSFCRHPHLVSLIGFCDERNEMILIYKYMENGNLKRHLYGSDLPTMSMSWEQRLEICIGAARGLHYLHTRAI
IHRDVKSINILLDENFVPKITDFGISKKGTELDQTHL(SEP)(TPO)VVKGTLGYIDPEYFIKGRLTEKSDVYSFGVVLF
EVLCARSAIVQSLPREMVNLAEWAVESHNNGQLEQIVDPNLADKIRPESLRKFGDTAVKCLALSSEDRPSMGDVLWKLEY
ALRLQESVI
;
B
#
# COMPACT_ATOMS: atom_id res chain seq x y z
N ASP A 29 17.14 12.11 -7.56
CA ASP A 29 15.68 11.78 -7.56
C ASP A 29 14.82 13.02 -7.30
N ASN A 30 13.72 12.86 -6.56
CA ASN A 30 12.78 13.95 -6.28
C ASN A 30 12.12 14.48 -7.56
N VAL A 31 11.09 13.77 -8.02
CA VAL A 31 10.48 14.03 -9.34
C VAL A 31 9.18 14.84 -9.23
N THR A 32 9.09 15.90 -10.03
CA THR A 32 7.92 16.79 -10.02
C THR A 32 6.79 16.26 -10.90
N SER A 33 5.58 16.73 -10.63
CA SER A 33 4.39 16.38 -11.41
C SER A 33 4.45 16.98 -12.82
N SER A 34 5.02 18.18 -12.92
CA SER A 34 5.26 18.79 -14.22
C SER A 34 6.25 17.95 -15.02
N GLN A 35 7.31 17.49 -14.35
CA GLN A 35 8.31 16.60 -14.93
C GLN A 35 7.65 15.29 -15.34
N LEU A 36 6.75 14.79 -14.49
CA LEU A 36 6.05 13.55 -14.74
C LEU A 36 5.17 13.66 -15.97
N LEU A 37 4.27 14.64 -15.96
CA LEU A 37 3.36 14.87 -17.08
C LEU A 37 4.12 15.02 -18.40
N SER A 38 5.30 15.62 -18.31
CA SER A 38 6.18 15.77 -19.47
C SER A 38 6.64 14.42 -20.02
N VAL A 39 6.96 13.49 -19.11
CA VAL A 39 7.39 12.14 -19.50
C VAL A 39 6.19 11.30 -19.97
N ARG A 40 5.02 11.61 -19.42
CA ARG A 40 3.78 10.95 -19.81
C ARG A 40 3.48 11.23 -21.27
N HIS A 41 3.45 12.51 -21.64
CA HIS A 41 3.14 12.93 -23.01
C HIS A 41 4.18 12.43 -24.00
N GLN A 42 5.44 12.41 -23.56
CA GLN A 42 6.54 11.89 -24.34
C GLN A 42 6.29 10.43 -24.77
N LEU A 43 5.84 9.60 -23.84
CA LEU A 43 5.47 8.20 -24.14
C LEU A 43 4.28 8.09 -25.07
N ALA A 44 3.23 8.87 -24.79
CA ALA A 44 2.00 8.81 -25.56
C ALA A 44 2.22 9.20 -27.02
N GLU A 45 3.07 10.22 -27.23
CA GLU A 45 3.40 10.72 -28.55
C GLU A 45 4.29 9.73 -29.31
N SER A 46 5.04 8.91 -28.57
CA SER A 46 5.96 7.94 -29.19
C SER A 46 5.38 6.54 -29.24
N ALA A 47 4.22 6.33 -28.63
CA ALA A 47 3.54 5.04 -28.73
C ALA A 47 2.79 5.01 -30.07
N GLY A 48 3.56 4.88 -31.14
CA GLY A 48 3.01 4.92 -32.49
C GLY A 48 4.03 4.58 -33.57
N LEU A 49 4.12 3.29 -33.86
CA LEU A 49 4.84 2.79 -35.03
C LEU A 49 4.26 3.40 -36.30
N PRO A 50 5.12 3.78 -37.27
CA PRO A 50 4.64 4.48 -38.47
C PRO A 50 3.69 3.65 -39.33
N ARG A 51 3.03 4.32 -40.28
CA ARG A 51 2.03 3.70 -41.17
C ARG A 51 2.49 2.41 -41.85
N ASP A 52 3.56 2.49 -42.63
CA ASP A 52 4.00 1.36 -43.47
C ASP A 52 4.44 0.13 -42.67
N GLN A 53 4.66 0.32 -41.37
CA GLN A 53 4.97 -0.79 -40.48
C GLN A 53 3.70 -1.47 -40.00
N HIS A 54 2.72 -0.67 -39.57
CA HIS A 54 1.45 -1.18 -39.09
C HIS A 54 0.64 -1.81 -40.23
N GLU A 55 0.80 -1.25 -41.42
CA GLU A 55 0.22 -1.81 -42.64
C GLU A 55 0.56 -3.30 -42.77
N PHE A 56 1.75 -3.69 -42.33
CA PHE A 56 2.21 -5.07 -42.42
C PHE A 56 2.32 -5.77 -41.05
N VAL A 57 1.47 -5.37 -40.11
CA VAL A 57 1.29 -6.13 -38.87
C VAL A 57 -0.09 -6.80 -38.86
N SER A 58 -1.03 -6.18 -39.58
CA SER A 58 -2.36 -6.73 -39.77
C SER A 58 -2.50 -7.35 -41.16
N SER A 59 -1.37 -7.55 -41.83
CA SER A 59 -1.34 -8.12 -43.20
C SER A 59 -0.22 -9.14 -43.41
N GLN A 60 0.94 -8.87 -42.82
CA GLN A 60 2.07 -9.80 -42.89
C GLN A 60 2.73 -9.96 -41.51
N ALA A 61 1.90 -10.16 -40.49
CA ALA A 61 2.36 -10.40 -39.10
C ALA A 61 3.49 -11.42 -39.08
N PRO A 62 4.74 -10.95 -38.87
CA PRO A 62 5.98 -11.66 -39.25
C PRO A 62 6.07 -13.11 -38.78
N GLN A 63 5.74 -13.35 -37.52
CA GLN A 63 5.59 -14.69 -36.97
C GLN A 63 4.41 -14.66 -35.99
N SER A 64 4.59 -15.36 -34.85
CA SER A 64 3.64 -15.26 -33.76
C SER A 64 4.29 -14.48 -32.63
N LEU A 65 5.61 -14.60 -32.53
CA LEU A 65 6.41 -13.90 -31.51
C LEU A 65 6.21 -12.38 -31.52
N ARG A 66 5.72 -11.85 -32.64
CA ARG A 66 5.50 -10.41 -32.78
C ARG A 66 4.08 -9.98 -32.38
N ASN A 67 3.54 -10.63 -31.34
CA ASN A 67 2.46 -10.08 -30.55
C ASN A 67 3.07 -9.06 -29.61
N ARG A 68 4.40 -9.09 -29.53
CA ARG A 68 5.20 -8.08 -28.84
C ARG A 68 4.66 -6.68 -29.07
N TYR A 69 3.96 -6.48 -30.19
CA TYR A 69 3.25 -5.24 -30.43
C TYR A 69 2.04 -5.10 -29.51
N ASN A 70 1.06 -5.98 -29.69
CA ASN A 70 -0.23 -5.92 -28.98
C ASN A 70 -0.12 -6.14 -27.47
N ASN A 71 0.94 -6.82 -27.05
CA ASN A 71 1.26 -6.94 -25.64
C ASN A 71 1.82 -5.64 -25.09
N LEU A 72 2.71 -5.00 -25.86
CA LEU A 72 3.28 -3.71 -25.49
C LEU A 72 2.23 -2.63 -25.49
N TYR A 73 1.33 -2.66 -26.48
CA TYR A 73 0.27 -1.67 -26.58
C TYR A 73 -0.53 -1.63 -25.29
N SER A 74 -1.09 -2.78 -24.91
CA SER A 74 -1.87 -2.88 -23.68
C SER A 74 -1.05 -2.46 -22.46
N HIS A 75 0.20 -2.89 -22.40
CA HIS A 75 1.10 -2.50 -21.31
C HIS A 75 1.27 -0.98 -21.23
N THR A 76 1.40 -0.35 -22.40
CA THR A 76 1.57 1.10 -22.50
C THR A 76 0.33 1.81 -21.98
N GLN A 77 -0.83 1.20 -22.22
CA GLN A 77 -2.09 1.71 -21.66
C GLN A 77 -2.02 1.65 -20.15
N ARG A 78 -1.66 0.49 -19.62
CA ARG A 78 -1.48 0.33 -18.18
C ARG A 78 -0.50 1.35 -17.62
N THR A 79 0.59 1.61 -18.34
CA THR A 79 1.61 2.56 -17.88
C THR A 79 1.06 3.98 -17.86
N LEU A 80 0.40 4.37 -18.95
CA LEU A 80 -0.16 5.70 -19.10
C LEU A 80 -1.27 6.02 -18.09
N ASP A 81 -2.11 5.01 -17.81
CA ASP A 81 -3.19 5.14 -16.82
C ASP A 81 -2.64 5.38 -15.43
N MET A 82 -1.69 4.54 -15.02
CA MET A 82 -1.05 4.66 -13.72
C MET A 82 -0.32 6.00 -13.59
N ALA A 83 0.28 6.44 -14.70
CA ALA A 83 0.94 7.74 -14.75
C ALA A 83 -0.08 8.86 -14.55
N ASP A 84 -1.22 8.74 -15.23
CA ASP A 84 -2.29 9.73 -15.13
C ASP A 84 -2.86 9.75 -13.70
N MET A 85 -3.02 8.57 -13.12
CA MET A 85 -3.45 8.44 -11.74
C MET A 85 -2.46 9.16 -10.81
N GLN A 86 -1.19 8.76 -10.92
CA GLN A 86 -0.10 9.38 -10.17
C GLN A 86 -0.15 10.91 -10.17
N HIS A 87 -0.38 11.48 -11.34
CA HIS A 87 -0.40 12.92 -11.52
C HIS A 87 -1.51 13.56 -10.68
N ARG A 88 -2.75 13.11 -10.86
CA ARG A 88 -3.90 13.65 -10.13
C ARG A 88 -3.67 13.65 -8.62
N TYR A 89 -3.07 12.58 -8.12
CA TYR A 89 -2.72 12.46 -6.71
C TYR A 89 -1.70 13.51 -6.27
N MET A 90 -0.67 13.72 -7.08
CA MET A 90 0.36 14.70 -6.75
C MET A 90 -0.23 16.12 -6.78
N THR A 91 -0.95 16.42 -7.86
CA THR A 91 -1.59 17.72 -8.12
C THR A 91 -2.60 18.09 -7.03
N GLY A 92 -3.17 17.09 -6.36
CA GLY A 92 -4.22 17.31 -5.36
C GLY A 92 -5.60 17.16 -5.98
N ALA A 93 -5.61 16.84 -7.28
CA ALA A 93 -6.84 16.59 -8.05
C ALA A 93 -7.61 15.35 -7.57
N SER A 94 -6.89 14.34 -7.08
CA SER A 94 -7.55 13.19 -6.47
C SER A 94 -6.80 12.72 -5.22
N GLY A 95 -7.52 11.98 -4.36
CA GLY A 95 -6.95 11.50 -3.11
C GLY A 95 -6.66 10.02 -3.13
N ILE A 96 -6.62 9.45 -4.34
CA ILE A 96 -6.26 8.04 -4.50
C ILE A 96 -4.75 7.94 -4.78
N ASN A 97 -4.00 7.52 -3.78
CA ASN A 97 -2.60 7.22 -3.95
C ASN A 97 -2.48 5.91 -4.74
N PRO A 98 -1.91 6.00 -5.95
CA PRO A 98 -1.83 4.88 -6.90
C PRO A 98 -1.04 3.67 -6.40
N GLY A 99 -0.14 3.86 -5.44
CA GLY A 99 0.61 2.72 -4.88
C GLY A 99 2.11 2.68 -5.13
N MET A 100 2.60 3.49 -6.07
CA MET A 100 4.04 3.58 -6.32
C MET A 100 4.48 5.04 -6.31
N LEU A 101 5.78 5.28 -6.18
CA LEU A 101 6.34 6.64 -6.17
C LEU A 101 6.37 7.28 -7.57
N PRO A 102 6.42 8.63 -7.63
CA PRO A 102 6.47 9.33 -8.92
C PRO A 102 7.66 8.93 -9.79
N HIS A 103 8.80 8.64 -9.17
CA HIS A 103 9.99 8.24 -9.91
C HIS A 103 9.84 6.84 -10.47
N GLU A 104 8.92 6.05 -9.93
CA GLU A 104 8.68 4.70 -10.41
C GLU A 104 7.88 4.72 -11.71
N ASN A 105 7.08 5.77 -11.89
CA ASN A 105 6.29 5.95 -13.11
C ASN A 105 7.17 6.44 -14.25
N VAL A 106 8.06 7.38 -13.96
CA VAL A 106 8.99 7.86 -14.97
C VAL A 106 9.92 6.73 -15.41
N ASP A 107 10.39 5.94 -14.46
CA ASP A 107 11.25 4.80 -14.76
C ASP A 107 10.52 3.72 -15.55
N ASP A 108 9.20 3.67 -15.42
CA ASP A 108 8.40 2.68 -16.12
C ASP A 108 8.12 3.08 -17.54
N MET A 109 7.85 4.37 -17.74
CA MET A 109 7.49 4.86 -19.06
C MET A 109 8.67 5.33 -19.90
N ARG A 110 9.76 5.73 -19.25
CA ARG A 110 11.03 5.97 -19.95
C ARG A 110 11.51 4.63 -20.49
N SER A 111 11.21 3.56 -19.76
CA SER A 111 11.48 2.21 -20.22
C SER A 111 10.58 1.84 -21.40
N ALA A 112 9.32 2.23 -21.31
CA ALA A 112 8.31 1.91 -22.32
C ALA A 112 8.63 2.54 -23.66
N ILE A 113 9.31 3.69 -23.64
CA ILE A 113 9.68 4.40 -24.86
C ILE A 113 10.71 3.61 -25.68
N THR A 114 11.70 3.04 -24.99
CA THR A 114 12.67 2.14 -25.60
C THR A 114 11.97 0.94 -26.25
N ASP A 115 10.98 0.38 -25.56
CA ASP A 115 10.21 -0.77 -26.04
C ASP A 115 9.56 -0.50 -27.39
N TRP A 116 9.10 0.74 -27.57
CA TRP A 116 8.49 1.16 -28.83
C TRP A 116 9.53 1.33 -29.94
N SER A 117 10.60 2.04 -29.63
CA SER A 117 11.66 2.29 -30.61
C SER A 117 12.45 1.01 -30.93
N ASP A 118 12.14 -0.07 -30.20
CA ASP A 118 12.68 -1.38 -30.51
C ASP A 118 11.70 -2.14 -31.40
N MET A 119 10.42 -2.02 -31.09
CA MET A 119 9.37 -2.55 -31.96
C MET A 119 9.57 -2.01 -33.37
N ARG A 120 9.72 -0.69 -33.47
CA ARG A 120 9.93 -0.03 -34.75
C ARG A 120 11.18 -0.52 -35.45
N GLU A 121 12.18 -0.91 -34.68
CA GLU A 121 13.38 -1.52 -35.23
C GLU A 121 13.14 -2.99 -35.61
N ALA A 122 12.52 -3.73 -34.68
CA ALA A 122 12.22 -5.14 -34.87
C ALA A 122 11.34 -5.40 -36.09
N LEU A 123 10.37 -4.50 -36.31
CA LEU A 123 9.44 -4.64 -37.43
C LEU A 123 10.12 -4.29 -38.75
N GLN A 124 10.80 -3.14 -38.79
CA GLN A 124 11.57 -2.74 -39.97
C GLN A 124 12.48 -3.88 -40.39
N HIS A 125 13.09 -4.52 -39.41
CA HIS A 125 14.02 -5.62 -39.65
C HIS A 125 13.30 -6.85 -40.19
N ALA A 126 12.35 -7.37 -39.43
CA ALA A 126 11.67 -8.62 -39.80
C ALA A 126 10.91 -8.51 -41.11
N MET A 127 10.35 -7.33 -41.40
CA MET A 127 9.56 -7.12 -42.62
C MET A 127 10.42 -6.93 -43.86
N GLY A 128 11.64 -6.45 -43.67
CA GLY A 128 12.61 -6.32 -44.74
C GLY A 128 13.24 -7.67 -44.99
N ILE A 129 12.45 -8.59 -45.53
CA ILE A 129 12.88 -9.98 -45.71
C ILE A 129 12.32 -10.57 -47.01
N PRO B 30 -5.21 15.39 24.34
CA PRO B 30 -3.97 15.86 24.96
C PRO B 30 -4.20 16.33 26.41
N LEU B 31 -3.57 15.61 27.34
CA LEU B 31 -3.65 15.93 28.77
C LEU B 31 -2.54 16.91 29.11
N VAL B 32 -1.32 16.58 28.68
CA VAL B 32 -0.21 17.52 28.66
C VAL B 32 -0.08 18.09 27.25
N ASP B 33 0.31 19.37 27.12
CA ASP B 33 0.16 20.05 25.83
C ASP B 33 1.41 20.19 24.93
N LEU B 34 2.52 20.65 25.48
CA LEU B 34 3.69 20.96 24.65
C LEU B 34 4.70 19.81 24.59
N GLU B 35 4.71 19.16 23.43
CA GLU B 35 5.71 18.17 23.06
C GLU B 35 6.34 18.60 21.74
N GLU B 36 6.71 19.89 21.69
CA GLU B 36 7.22 20.55 20.50
C GLU B 36 8.75 20.57 20.51
N ALA B 37 9.35 19.56 19.89
CA ALA B 37 10.80 19.50 19.69
C ALA B 37 11.19 20.46 18.58
N THR B 38 12.45 20.88 18.59
CA THR B 38 12.89 21.92 17.67
C THR B 38 14.28 21.72 17.04
N ASN B 39 14.29 21.89 15.72
CA ASN B 39 15.45 21.76 14.82
C ASN B 39 16.72 21.06 15.30
N ASN B 40 16.89 19.82 14.84
CA ASN B 40 18.04 19.01 15.20
C ASN B 40 19.35 19.38 14.46
N PHE B 41 19.74 18.52 13.50
CA PHE B 41 21.01 18.63 12.79
C PHE B 41 20.79 18.86 11.28
N ASP B 42 21.83 18.66 10.49
CA ASP B 42 21.69 18.59 9.02
C ASP B 42 21.57 17.14 8.56
N HIS B 43 20.70 16.94 7.55
CA HIS B 43 20.13 15.62 7.25
C HIS B 43 21.06 14.49 6.82
N LYS B 44 21.01 13.41 7.61
CA LYS B 44 21.71 12.16 7.33
C LYS B 44 20.86 11.27 6.41
N PHE B 45 21.24 11.23 5.12
CA PHE B 45 20.46 10.50 4.12
C PHE B 45 20.31 9.01 4.42
N LEU B 46 19.10 8.62 4.81
CA LEU B 46 18.77 7.23 5.14
C LEU B 46 17.27 6.94 5.07
N ILE B 47 16.94 5.64 5.14
CA ILE B 47 15.56 5.08 5.22
C ILE B 47 14.48 5.60 4.23
N GLY B 48 13.22 5.33 4.53
CA GLY B 48 12.11 5.45 3.56
C GLY B 48 11.81 6.79 2.90
N HIS B 49 11.03 6.73 1.82
CA HIS B 49 10.64 7.91 1.03
C HIS B 49 9.15 7.89 0.71
N GLY B 50 8.50 9.04 0.83
CA GLY B 50 7.08 9.16 0.58
C GLY B 50 6.77 10.20 -0.48
N VAL B 51 5.51 10.26 -0.88
CA VAL B 51 5.08 11.18 -1.96
C VAL B 51 5.04 12.63 -1.45
N PHE B 52 4.50 12.82 -0.25
CA PHE B 52 4.50 14.13 0.41
C PHE B 52 5.43 14.09 1.62
N GLY B 53 6.70 14.45 1.37
CA GLY B 53 7.73 14.38 2.39
C GLY B 53 8.56 13.12 2.42
N LYS B 54 9.69 13.19 3.13
CA LYS B 54 10.61 12.05 3.25
C LYS B 54 10.79 11.63 4.71
N VAL B 55 11.42 10.49 4.95
CA VAL B 55 11.65 9.99 6.30
C VAL B 55 13.14 9.65 6.52
N TYR B 56 13.71 10.18 7.60
CA TYR B 56 15.12 9.92 7.93
C TYR B 56 15.26 9.33 9.33
N LYS B 57 16.30 8.53 9.51
CA LYS B 57 16.71 8.07 10.83
C LYS B 57 17.63 9.12 11.46
N GLY B 58 17.58 9.24 12.78
CA GLY B 58 18.44 10.15 13.51
C GLY B 58 18.57 9.79 14.98
N VAL B 59 19.67 10.23 15.58
CA VAL B 59 19.87 10.08 17.02
C VAL B 59 19.74 11.46 17.66
N LEU B 60 19.04 11.54 18.79
CA LEU B 60 18.82 12.81 19.47
C LEU B 60 19.85 13.05 20.57
N ARG B 61 19.87 14.28 21.11
CA ARG B 61 20.78 14.66 22.19
C ARG B 61 20.81 13.67 23.35
N ASP B 62 19.68 13.02 23.60
CA ASP B 62 19.54 12.05 24.69
C ASP B 62 19.78 10.60 24.26
N GLY B 63 20.34 10.40 23.07
CA GLY B 63 20.68 9.07 22.57
C GLY B 63 19.56 8.26 21.96
N ALA B 64 18.35 8.82 21.97
CA ALA B 64 17.17 8.14 21.45
C ALA B 64 17.20 8.06 19.93
N LYS B 65 17.17 6.82 19.42
CA LYS B 65 16.99 6.57 17.99
C LYS B 65 15.58 7.02 17.61
N VAL B 66 15.48 7.80 16.54
CA VAL B 66 14.24 8.51 16.23
C VAL B 66 13.93 8.53 14.72
N ALA B 67 12.66 8.76 14.37
CA ALA B 67 12.22 8.74 12.97
C ALA B 67 11.53 10.04 12.54
N LEU B 68 12.20 10.79 11.66
CA LEU B 68 11.73 12.14 11.27
C LEU B 68 11.00 12.18 9.94
N LYS B 69 9.68 12.37 10.00
CA LYS B 69 8.87 12.49 8.79
C LYS B 69 8.83 13.96 8.34
N ARG B 70 9.89 14.37 7.63
CA ARG B 70 10.03 15.73 7.09
C ARG B 70 9.11 15.97 5.91
N ARG B 71 8.13 16.85 6.08
CA ARG B 71 7.05 17.01 5.09
C ARG B 71 7.18 18.26 4.24
N THR B 72 8.41 18.73 4.05
CA THR B 72 8.67 19.94 3.26
C THR B 72 8.63 19.71 1.73
N PRO B 73 9.02 18.51 1.25
CA PRO B 73 8.86 18.24 -0.17
C PRO B 73 7.39 18.19 -0.60
N GLU B 74 7.04 19.09 -1.53
CA GLU B 74 5.69 19.21 -2.14
C GLU B 74 4.55 19.49 -1.14
N SER B 75 4.34 20.79 -0.86
CA SER B 75 3.36 21.25 0.12
C SER B 75 1.91 21.25 -0.39
N SER B 76 1.57 20.26 -1.22
CA SER B 76 0.24 20.16 -1.82
C SER B 76 -0.79 19.67 -0.80
N GLN B 77 -1.23 20.61 0.03
CA GLN B 77 -2.07 20.32 1.20
C GLN B 77 -1.53 19.17 2.05
N GLY B 78 -0.21 19.19 2.26
CA GLY B 78 0.45 18.33 3.23
C GLY B 78 0.20 18.92 4.61
N ILE B 79 -0.07 20.24 4.63
CA ILE B 79 -0.46 20.97 5.85
C ILE B 79 -1.61 20.27 6.57
N GLU B 80 -2.66 19.95 5.81
CA GLU B 80 -3.88 19.35 6.36
C GLU B 80 -3.58 18.01 7.01
N GLU B 81 -2.79 17.19 6.35
CA GLU B 81 -2.46 15.84 6.82
C GLU B 81 -1.51 15.87 8.03
N PHE B 82 -0.64 16.89 8.06
CA PHE B 82 0.30 17.13 9.17
C PHE B 82 -0.44 17.46 10.46
N GLU B 83 -1.47 18.31 10.34
CA GLU B 83 -2.32 18.69 11.46
C GLU B 83 -3.21 17.53 11.89
N THR B 84 -3.69 16.75 10.92
CA THR B 84 -4.51 15.57 11.17
C THR B 84 -3.73 14.52 11.94
N GLU B 85 -2.47 14.31 11.56
CA GLU B 85 -1.63 13.33 12.25
C GLU B 85 -1.15 13.84 13.62
N ILE B 86 -1.53 15.06 13.97
CA ILE B 86 -1.21 15.59 15.29
C ILE B 86 -2.36 15.31 16.25
N GLU B 87 -3.56 15.71 15.88
CA GLU B 87 -4.74 15.56 16.73
C GLU B 87 -5.17 14.10 16.91
N THR B 88 -5.14 13.35 15.82
CA THR B 88 -5.41 11.91 15.85
C THR B 88 -4.38 11.20 16.72
N LEU B 89 -3.14 11.64 16.63
CA LEU B 89 -2.06 10.96 17.32
C LEU B 89 -1.80 11.53 18.72
N SER B 90 -2.64 12.46 19.16
CA SER B 90 -2.57 12.96 20.53
C SER B 90 -3.25 11.97 21.46
N PHE B 91 -4.08 11.11 20.87
CA PHE B 91 -4.53 9.87 21.52
C PHE B 91 -3.39 8.85 21.46
N CYS B 92 -2.22 9.32 21.90
CA CYS B 92 -0.97 8.55 21.89
C CYS B 92 -0.90 7.72 23.16
N ARG B 93 -1.44 6.50 23.05
CA ARG B 93 -1.58 5.58 24.16
C ARG B 93 -2.10 4.28 23.60
N HIS B 94 -1.26 3.59 22.84
CA HIS B 94 -1.52 2.21 22.46
C HIS B 94 -0.26 1.51 21.98
N PRO B 95 -0.07 0.23 22.38
CA PRO B 95 1.08 -0.58 21.98
C PRO B 95 1.14 -0.90 20.50
N HIS B 96 0.01 -0.76 19.79
CA HIS B 96 -0.06 -1.11 18.37
C HIS B 96 -0.32 0.09 17.46
N LEU B 97 -0.06 1.27 18.03
CA LEU B 97 -0.11 2.53 17.31
C LEU B 97 1.25 3.22 17.44
N VAL B 98 1.86 3.57 16.32
CA VAL B 98 3.10 4.32 16.32
C VAL B 98 2.97 5.54 17.23
N SER B 99 3.88 5.64 18.19
CA SER B 99 3.89 6.73 19.16
C SER B 99 4.57 7.97 18.58
N LEU B 100 3.84 9.07 18.55
CA LEU B 100 4.42 10.37 18.22
C LEU B 100 5.22 10.93 19.40
N ILE B 101 6.47 11.28 19.12
CA ILE B 101 7.34 11.90 20.12
C ILE B 101 7.17 13.42 20.15
N GLY B 102 7.22 14.04 18.96
CA GLY B 102 7.13 15.49 18.83
C GLY B 102 6.84 15.97 17.42
N PHE B 103 6.63 17.27 17.28
CA PHE B 103 6.38 17.92 15.99
C PHE B 103 7.21 19.21 15.85
N CYS B 104 7.07 19.89 14.71
CA CYS B 104 7.91 21.06 14.40
C CYS B 104 7.17 22.37 14.05
N ASP B 105 6.71 22.48 12.81
CA ASP B 105 6.08 23.70 12.25
C ASP B 105 6.85 24.98 12.59
N GLU B 106 8.14 24.99 12.26
CA GLU B 106 9.01 26.12 12.56
C GLU B 106 9.85 26.49 11.35
N ARG B 107 9.89 27.79 11.06
CA ARG B 107 10.60 28.35 9.91
C ARG B 107 10.29 27.57 8.63
N ASN B 108 9.00 27.57 8.29
CA ASN B 108 8.47 26.91 7.08
C ASN B 108 8.42 25.39 7.10
N GLU B 109 9.22 24.77 7.97
CA GLU B 109 9.27 23.30 8.05
C GLU B 109 8.06 22.72 8.78
N MET B 110 7.77 21.45 8.52
CA MET B 110 6.83 20.68 9.34
C MET B 110 7.22 19.21 9.43
N ILE B 111 7.83 18.85 10.56
CA ILE B 111 8.35 17.51 10.79
C ILE B 111 7.65 16.85 11.97
N LEU B 112 7.30 15.58 11.80
CA LEU B 112 6.75 14.78 12.88
C LEU B 112 7.80 13.77 13.32
N ILE B 113 7.75 13.38 14.59
CA ILE B 113 8.83 12.61 15.21
C ILE B 113 8.31 11.38 15.96
N TYR B 114 8.86 10.21 15.64
CA TYR B 114 8.45 8.94 16.27
C TYR B 114 9.66 8.08 16.67
N LYS B 115 9.46 7.13 17.58
CA LYS B 115 10.47 6.11 17.88
C LYS B 115 10.81 5.32 16.61
N TYR B 116 12.10 5.04 16.42
CA TYR B 116 12.58 4.31 15.24
C TYR B 116 12.22 2.84 15.30
N MET B 117 11.45 2.36 14.32
CA MET B 117 11.09 0.94 14.24
C MET B 117 12.19 0.17 13.54
N GLU B 118 12.93 -0.63 14.32
CA GLU B 118 14.09 -1.35 13.83
C GLU B 118 13.84 -2.17 12.57
N ASN B 119 12.77 -2.96 12.57
CA ASN B 119 12.49 -3.91 11.49
C ASN B 119 11.66 -3.36 10.32
N GLY B 120 11.38 -2.05 10.35
CA GLY B 120 10.68 -1.39 9.24
C GLY B 120 9.22 -1.78 9.14
N ASN B 121 8.76 -2.06 7.93
CA ASN B 121 7.36 -2.40 7.70
C ASN B 121 7.11 -3.88 7.36
N LEU B 122 5.85 -4.30 7.47
CA LEU B 122 5.47 -5.69 7.23
C LEU B 122 5.75 -6.11 5.80
N LYS B 123 5.53 -5.19 4.86
CA LYS B 123 5.78 -5.45 3.44
C LYS B 123 7.21 -5.89 3.22
N ARG B 124 8.14 -5.20 3.87
CA ARG B 124 9.57 -5.48 3.78
C ARG B 124 9.89 -6.95 4.08
N HIS B 125 9.11 -7.55 4.99
CA HIS B 125 9.32 -8.95 5.40
C HIS B 125 8.48 -9.96 4.60
N LEU B 126 7.85 -9.50 3.52
CA LEU B 126 6.97 -10.37 2.72
C LEU B 126 7.22 -10.21 1.22
N TYR B 127 8.30 -10.83 0.74
CA TYR B 127 8.61 -10.81 -0.68
C TYR B 127 8.87 -9.41 -1.24
N GLY B 128 9.34 -8.50 -0.38
CA GLY B 128 9.87 -7.21 -0.83
C GLY B 128 11.24 -7.42 -1.49
N SER B 129 12.30 -7.09 -0.75
CA SER B 129 13.68 -7.37 -1.20
C SER B 129 14.67 -7.44 -0.03
N ASP B 130 15.66 -8.33 -0.18
CA ASP B 130 16.89 -8.41 0.63
C ASP B 130 16.76 -8.76 2.14
N LEU B 131 17.93 -8.86 2.79
CA LEU B 131 18.11 -9.35 4.18
C LEU B 131 17.71 -10.82 4.38
N PRO B 132 18.73 -11.69 4.61
CA PRO B 132 18.57 -13.15 4.65
C PRO B 132 17.90 -13.72 5.92
N THR B 133 18.45 -14.82 6.44
CA THR B 133 17.84 -15.62 7.53
C THR B 133 16.40 -16.05 7.17
N MET B 134 16.12 -16.04 5.86
CA MET B 134 14.87 -16.54 5.27
C MET B 134 13.61 -15.83 5.75
N SER B 135 12.46 -16.42 5.42
CA SER B 135 11.16 -15.79 5.62
C SER B 135 10.63 -15.88 7.05
N MET B 136 9.52 -15.21 7.28
CA MET B 136 8.83 -15.20 8.56
C MET B 136 8.11 -16.52 8.77
N SER B 137 7.84 -16.86 10.04
CA SER B 137 7.06 -18.08 10.34
C SER B 137 5.57 -17.77 10.37
N TRP B 138 4.74 -18.82 10.35
CA TRP B 138 3.29 -18.67 10.33
C TRP B 138 2.78 -18.07 11.63
N GLU B 139 3.31 -18.54 12.76
CA GLU B 139 3.00 -17.99 14.06
C GLU B 139 3.30 -16.49 14.08
N GLN B 140 4.57 -16.15 13.84
CA GLN B 140 5.02 -14.76 13.77
C GLN B 140 4.10 -13.92 12.88
N ARG B 141 3.74 -14.45 11.71
CA ARG B 141 2.84 -13.78 10.78
C ARG B 141 1.48 -13.49 11.43
N LEU B 142 0.97 -14.48 12.17
CA LEU B 142 -0.33 -14.34 12.84
C LEU B 142 -0.27 -13.38 14.00
N GLU B 143 0.81 -13.48 14.79
CA GLU B 143 1.08 -12.56 15.91
C GLU B 143 1.06 -11.12 15.42
N ILE B 144 1.61 -10.88 14.23
CA ILE B 144 1.58 -9.56 13.62
C ILE B 144 0.15 -9.18 13.26
N CYS B 145 -0.54 -10.03 12.51
CA CYS B 145 -1.93 -9.75 12.11
C CYS B 145 -2.85 -9.44 13.29
N ILE B 146 -2.65 -10.16 14.40
CA ILE B 146 -3.45 -9.96 15.61
C ILE B 146 -3.13 -8.59 16.20
N GLY B 147 -1.85 -8.29 16.32
CA GLY B 147 -1.40 -6.98 16.82
C GLY B 147 -1.94 -5.82 16.01
N ALA B 148 -1.88 -5.94 14.69
CA ALA B 148 -2.40 -4.93 13.78
C ALA B 148 -3.91 -4.77 13.96
N ALA B 149 -4.61 -5.88 14.15
CA ALA B 149 -6.05 -5.86 14.38
C ALA B 149 -6.38 -5.10 15.67
N ARG B 150 -5.62 -5.39 16.71
CA ARG B 150 -5.82 -4.80 18.04
C ARG B 150 -5.74 -3.28 17.96
N GLY B 151 -4.79 -2.78 17.16
CA GLY B 151 -4.59 -1.35 16.95
C GLY B 151 -5.76 -0.74 16.22
N LEU B 152 -6.10 -1.30 15.06
CA LEU B 152 -7.27 -0.87 14.29
C LEU B 152 -8.58 -0.94 15.06
N HIS B 153 -8.76 -1.99 15.87
CA HIS B 153 -9.98 -2.10 16.64
C HIS B 153 -10.11 -0.94 17.62
N TYR B 154 -9.01 -0.58 18.26
CA TYR B 154 -8.93 0.52 19.21
C TYR B 154 -9.31 1.85 18.53
N LEU B 155 -8.73 2.09 17.36
CA LEU B 155 -9.10 3.24 16.54
C LEU B 155 -10.60 3.32 16.30
N HIS B 156 -11.25 2.17 16.17
CA HIS B 156 -12.69 2.16 15.92
C HIS B 156 -13.46 2.43 17.20
N THR B 157 -12.87 2.05 18.33
CA THR B 157 -13.39 2.34 19.66
C THR B 157 -13.40 3.85 19.84
N ARG B 158 -12.44 4.51 19.20
CA ARG B 158 -12.28 5.95 19.30
C ARG B 158 -12.84 6.68 18.08
N ALA B 159 -13.70 5.98 17.32
CA ALA B 159 -14.38 6.51 16.13
C ALA B 159 -13.43 7.08 15.06
N ILE B 160 -12.17 6.68 15.16
CA ILE B 160 -11.17 7.04 14.18
C ILE B 160 -11.12 5.95 13.12
N ILE B 161 -11.35 6.35 11.88
CA ILE B 161 -11.23 5.44 10.73
C ILE B 161 -9.91 5.74 10.04
N HIS B 162 -9.07 4.73 9.91
CA HIS B 162 -7.73 4.92 9.38
C HIS B 162 -7.69 5.35 7.90
N ARG B 163 -8.42 4.62 7.05
CA ARG B 163 -8.54 4.91 5.60
C ARG B 163 -7.37 4.52 4.72
N ASP B 164 -6.21 4.30 5.33
CA ASP B 164 -5.00 4.00 4.59
C ASP B 164 -4.25 2.83 5.21
N VAL B 165 -5.00 1.77 5.49
CA VAL B 165 -4.45 0.51 6.01
C VAL B 165 -3.78 -0.29 4.90
N LYS B 166 -2.52 -0.68 5.12
CA LYS B 166 -1.73 -1.42 4.15
C LYS B 166 -0.46 -1.96 4.80
N SER B 167 0.23 -2.87 4.10
CA SER B 167 1.41 -3.54 4.63
C SER B 167 2.57 -2.57 4.87
N ILE B 168 2.61 -1.54 4.04
CA ILE B 168 3.58 -0.45 4.13
C ILE B 168 3.34 0.34 5.42
N ASN B 169 2.07 0.45 5.79
CA ASN B 169 1.67 1.27 6.93
C ASN B 169 1.61 0.50 8.26
N ILE B 170 2.18 -0.69 8.27
CA ILE B 170 2.27 -1.47 9.50
C ILE B 170 3.74 -1.68 9.83
N LEU B 171 4.20 -0.94 10.83
CA LEU B 171 5.59 -0.95 11.26
C LEU B 171 5.78 -1.90 12.43
N LEU B 172 6.97 -2.47 12.55
CA LEU B 172 7.27 -3.38 13.64
C LEU B 172 8.67 -3.16 14.25
N ASP B 173 8.73 -3.21 15.58
CA ASP B 173 9.91 -2.79 16.32
C ASP B 173 10.98 -3.87 16.44
N GLU B 174 11.88 -3.68 17.41
CA GLU B 174 12.98 -4.59 17.69
C GLU B 174 12.48 -5.98 18.04
N ASN B 175 11.31 -6.04 18.66
CA ASN B 175 10.69 -7.30 19.05
C ASN B 175 9.55 -7.72 18.12
N PHE B 176 9.46 -7.06 16.97
CA PHE B 176 8.46 -7.36 15.95
C PHE B 176 7.03 -7.13 16.43
N VAL B 177 6.88 -6.23 17.40
CA VAL B 177 5.57 -5.78 17.84
C VAL B 177 4.99 -4.83 16.77
N PRO B 178 3.85 -5.20 16.19
CA PRO B 178 3.27 -4.36 15.13
C PRO B 178 2.72 -3.02 15.64
N LYS B 179 2.87 -1.99 14.82
CA LYS B 179 2.49 -0.62 15.17
C LYS B 179 1.86 0.04 13.93
N ILE B 180 0.66 0.58 14.09
CA ILE B 180 -0.01 1.24 12.97
C ILE B 180 0.51 2.67 12.83
N THR B 181 0.99 2.99 11.64
CA THR B 181 1.57 4.29 11.37
C THR B 181 0.71 5.05 10.36
N ASP B 182 1.02 6.34 10.19
CA ASP B 182 0.44 7.21 9.15
C ASP B 182 -1.06 7.44 9.31
N PHE B 183 -1.41 8.65 9.74
CA PHE B 183 -2.80 8.99 10.05
C PHE B 183 -3.24 10.27 9.35
N GLY B 184 -2.48 10.69 8.34
CA GLY B 184 -2.80 11.89 7.58
C GLY B 184 -4.10 11.84 6.80
N ILE B 185 -4.69 10.64 6.71
CA ILE B 185 -5.87 10.40 5.88
C ILE B 185 -7.04 9.95 6.77
N SER B 186 -6.73 9.61 8.02
CA SER B 186 -7.72 9.11 9.01
C SER B 186 -8.81 10.11 9.37
N LYS B 187 -10.00 9.60 9.68
CA LYS B 187 -11.15 10.44 9.97
C LYS B 187 -11.80 10.13 11.33
N LYS B 188 -12.21 11.17 12.05
CA LYS B 188 -12.92 11.01 13.32
C LYS B 188 -14.43 11.21 13.17
N GLY B 189 -15.19 10.30 13.77
CA GLY B 189 -16.66 10.37 13.78
C GLY B 189 -17.26 10.95 15.05
N THR B 190 -18.57 11.14 15.02
CA THR B 190 -19.30 11.78 16.14
C THR B 190 -20.05 10.75 16.99
N GLU B 191 -20.78 9.84 16.34
CA GLU B 191 -21.64 8.88 17.04
C GLU B 191 -20.87 7.76 17.77
N LEU B 192 -19.59 7.57 17.41
CA LEU B 192 -18.66 6.65 18.12
C LEU B 192 -19.00 5.17 17.93
N ASP B 193 -18.50 4.59 16.85
CA ASP B 193 -18.72 3.17 16.57
C ASP B 193 -19.65 2.99 15.38
N GLN B 194 -20.84 3.57 15.48
CA GLN B 194 -21.86 3.39 14.45
C GLN B 194 -21.69 4.28 13.20
N THR B 195 -20.63 5.09 13.14
CA THR B 195 -20.53 6.14 12.11
C THR B 195 -20.44 5.64 10.65
N HIS B 196 -21.47 5.98 9.87
CA HIS B 196 -21.50 5.70 8.42
C HIS B 196 -21.47 7.02 7.62
N LEU B 197 -20.32 7.69 7.70
CA LEU B 197 -20.15 9.06 7.17
C LEU B 197 -19.90 9.17 5.67
N SEP B 198 -19.86 10.39 5.17
CA SEP B 198 -19.82 10.63 3.72
CB SEP B 198 -21.23 10.93 3.21
OG SEP B 198 -21.17 11.50 1.91
C SEP B 198 -18.85 11.75 3.28
O SEP B 198 -19.09 12.94 3.53
P SEP B 198 -22.43 11.08 1.00
O1P SEP B 198 -21.89 10.83 -0.50
O2P SEP B 198 -23.10 9.72 1.56
O3P SEP B 198 -23.54 12.25 0.95
N TPO B 199 -17.78 11.35 2.60
CA TPO B 199 -16.77 12.29 2.09
CB TPO B 199 -15.80 12.61 3.23
CG2 TPO B 199 -14.92 11.39 3.59
OG1 TPO B 199 -15.08 13.80 2.89
P TPO B 199 -13.55 14.14 3.29
O1P TPO B 199 -13.45 13.88 4.78
O2P TPO B 199 -12.67 13.19 2.50
O3P TPO B 199 -13.43 15.60 2.90
C TPO B 199 -16.04 11.87 0.83
O TPO B 199 -16.35 10.83 0.25
N VAL B 200 -15.08 12.70 0.42
CA VAL B 200 -14.16 12.42 -0.70
C VAL B 200 -13.46 11.07 -0.54
N VAL B 201 -13.16 10.42 -1.67
CA VAL B 201 -12.47 9.14 -1.69
C VAL B 201 -10.94 9.28 -1.50
N LYS B 202 -10.43 8.63 -0.45
CA LYS B 202 -8.99 8.62 -0.19
C LYS B 202 -8.45 7.21 0.11
N GLY B 203 -7.20 6.95 -0.28
CA GLY B 203 -6.54 5.67 0.02
C GLY B 203 -5.48 5.24 -0.97
N THR B 204 -5.14 3.95 -0.94
CA THR B 204 -4.20 3.36 -1.91
C THR B 204 -4.92 2.37 -2.83
N LEU B 205 -4.57 2.42 -4.11
CA LEU B 205 -5.30 1.73 -5.20
C LEU B 205 -5.81 0.32 -4.89
N GLY B 206 -4.93 -0.53 -4.35
CA GLY B 206 -5.31 -1.92 -4.10
C GLY B 206 -6.23 -2.09 -2.91
N TYR B 207 -6.25 -1.13 -2.01
CA TYR B 207 -6.84 -1.31 -0.69
C TYR B 207 -8.15 -0.59 -0.46
N ILE B 208 -8.53 0.29 -1.40
CA ILE B 208 -9.77 1.06 -1.32
C ILE B 208 -10.97 0.13 -1.20
N ASP B 209 -11.80 0.39 -0.20
CA ASP B 209 -13.09 -0.27 -0.06
C ASP B 209 -13.89 0.13 -1.29
N PRO B 210 -14.26 -0.86 -2.13
CA PRO B 210 -15.01 -0.63 -3.35
C PRO B 210 -16.35 0.06 -3.11
N GLU B 211 -16.98 -0.22 -1.97
CA GLU B 211 -18.24 0.42 -1.61
C GLU B 211 -17.99 1.89 -1.33
N TYR B 212 -16.84 2.19 -0.72
CA TYR B 212 -16.42 3.56 -0.47
C TYR B 212 -16.06 4.27 -1.77
N PHE B 213 -15.53 3.50 -2.73
CA PHE B 213 -15.13 4.04 -4.02
C PHE B 213 -16.33 4.32 -4.93
N ILE B 214 -17.21 3.34 -5.09
CA ILE B 214 -18.34 3.49 -6.02
C ILE B 214 -19.42 4.44 -5.50
N LYS B 215 -19.54 4.58 -4.18
CA LYS B 215 -20.67 5.32 -3.58
C LYS B 215 -20.28 6.61 -2.85
N GLY B 216 -19.11 6.61 -2.22
CA GLY B 216 -18.66 7.80 -1.49
C GLY B 216 -18.98 7.75 -0.01
N ARG B 217 -19.63 6.67 0.42
CA ARG B 217 -19.93 6.41 1.82
C ARG B 217 -18.74 5.78 2.51
N LEU B 218 -18.31 6.36 3.62
CA LEU B 218 -17.23 5.80 4.43
C LEU B 218 -17.74 5.20 5.74
N THR B 219 -17.16 4.07 6.11
CA THR B 219 -17.50 3.40 7.35
C THR B 219 -16.22 2.84 7.97
N GLU B 220 -16.27 2.57 9.26
CA GLU B 220 -15.17 1.90 9.94
C GLU B 220 -14.85 0.56 9.27
N LYS B 221 -15.85 -0.02 8.62
CA LYS B 221 -15.72 -1.29 7.92
C LYS B 221 -14.92 -1.13 6.64
N SER B 222 -14.67 0.12 6.25
CA SER B 222 -13.86 0.39 5.09
C SER B 222 -12.41 0.03 5.39
N ASP B 223 -12.05 0.07 6.68
CA ASP B 223 -10.72 -0.33 7.11
C ASP B 223 -10.63 -1.83 7.11
N VAL B 224 -11.78 -2.47 7.29
CA VAL B 224 -11.86 -3.93 7.39
C VAL B 224 -11.53 -4.56 6.02
N TYR B 225 -12.13 -4.06 4.95
CA TYR B 225 -11.74 -4.45 3.60
C TYR B 225 -10.24 -4.25 3.39
N SER B 226 -9.75 -3.07 3.77
CA SER B 226 -8.35 -2.75 3.59
C SER B 226 -7.48 -3.75 4.34
N PHE B 227 -7.88 -4.07 5.57
CA PHE B 227 -7.14 -5.02 6.40
C PHE B 227 -7.25 -6.40 5.79
N GLY B 228 -8.40 -6.66 5.16
CA GLY B 228 -8.67 -7.92 4.49
C GLY B 228 -7.64 -8.20 3.41
N VAL B 229 -7.20 -7.14 2.73
CA VAL B 229 -6.14 -7.27 1.74
C VAL B 229 -4.81 -7.61 2.43
N VAL B 230 -4.48 -6.87 3.48
CA VAL B 230 -3.26 -7.14 4.24
C VAL B 230 -3.16 -8.59 4.68
N LEU B 231 -4.32 -9.17 5.05
CA LEU B 231 -4.39 -10.56 5.50
C LEU B 231 -3.92 -11.52 4.41
N PHE B 232 -4.43 -11.33 3.21
CA PHE B 232 -4.05 -12.17 2.10
C PHE B 232 -2.64 -11.84 1.67
N GLU B 233 -2.24 -10.60 1.90
CA GLU B 233 -0.89 -10.18 1.57
C GLU B 233 0.12 -10.92 2.43
N VAL B 234 -0.21 -11.05 3.71
CA VAL B 234 0.58 -11.84 4.67
C VAL B 234 0.65 -13.29 4.22
N LEU B 235 -0.50 -13.84 3.81
CA LEU B 235 -0.61 -15.26 3.47
C LEU B 235 0.18 -15.62 2.21
N CYS B 236 -0.12 -14.93 1.11
CA CYS B 236 0.40 -15.28 -0.21
C CYS B 236 1.81 -14.75 -0.48
N ALA B 237 2.23 -13.80 0.36
CA ALA B 237 3.48 -13.03 0.16
C ALA B 237 3.48 -12.28 -1.18
N ARG B 238 2.37 -12.42 -1.91
CA ARG B 238 2.06 -11.59 -3.06
C ARG B 238 1.90 -10.16 -2.51
N SER B 239 2.97 -9.69 -1.87
CA SER B 239 3.01 -8.37 -1.24
C SER B 239 3.00 -7.26 -2.30
N ALA B 240 2.82 -7.68 -3.55
CA ALA B 240 2.71 -6.76 -4.66
C ALA B 240 1.26 -6.33 -4.82
N ILE B 241 0.36 -7.09 -4.18
CA ILE B 241 -1.11 -6.89 -4.26
C ILE B 241 -1.67 -6.54 -5.66
N VAL B 242 -1.76 -5.25 -5.98
CA VAL B 242 -2.11 -4.84 -7.33
C VAL B 242 -0.90 -5.11 -8.24
N GLN B 243 -1.02 -6.11 -9.12
CA GLN B 243 0.09 -6.54 -9.96
C GLN B 243 -0.25 -6.49 -11.47
N SER B 244 0.32 -5.50 -12.16
CA SER B 244 0.02 -5.27 -13.58
C SER B 244 0.92 -6.09 -14.52
N LEU B 245 0.96 -7.39 -14.29
CA LEU B 245 1.69 -8.33 -15.15
C LEU B 245 0.89 -9.57 -15.54
N PRO B 246 0.37 -10.33 -14.54
CA PRO B 246 -0.32 -11.59 -14.83
C PRO B 246 -1.69 -11.47 -15.51
N ARG B 247 -2.47 -12.55 -15.42
CA ARG B 247 -3.74 -12.72 -16.11
C ARG B 247 -4.88 -11.86 -15.54
N GLU B 248 -6.06 -12.46 -15.42
CA GLU B 248 -7.21 -11.81 -14.78
C GLU B 248 -7.02 -11.82 -13.26
N MET B 249 -5.82 -12.19 -12.83
CA MET B 249 -5.46 -12.27 -11.41
C MET B 249 -4.68 -11.02 -10.93
N VAL B 250 -5.06 -9.87 -11.46
CA VAL B 250 -4.36 -8.60 -11.18
C VAL B 250 -4.61 -8.09 -9.76
N ASN B 251 -5.87 -8.19 -9.33
CA ASN B 251 -6.28 -7.72 -8.01
C ASN B 251 -6.21 -8.86 -6.98
N LEU B 252 -5.33 -8.70 -6.00
CA LEU B 252 -5.11 -9.73 -4.97
C LEU B 252 -6.38 -9.97 -4.14
N ALA B 253 -7.10 -8.90 -3.82
CA ALA B 253 -8.34 -9.00 -3.06
C ALA B 253 -9.48 -9.60 -3.89
N GLU B 254 -9.12 -10.06 -5.09
CA GLU B 254 -10.11 -10.58 -6.02
C GLU B 254 -9.70 -11.98 -6.44
N TRP B 255 -8.41 -12.17 -6.69
CA TRP B 255 -7.84 -13.47 -7.03
C TRP B 255 -7.83 -14.44 -5.85
N ALA B 256 -7.65 -13.91 -4.64
CA ALA B 256 -7.69 -14.73 -3.44
C ALA B 256 -9.12 -15.12 -3.08
N VAL B 257 -10.06 -14.19 -3.28
CA VAL B 257 -11.47 -14.47 -3.03
C VAL B 257 -11.95 -15.53 -4.01
N GLU B 258 -11.48 -15.43 -5.25
CA GLU B 258 -11.77 -16.41 -6.30
C GLU B 258 -11.45 -17.86 -5.88
N SER B 259 -10.75 -18.02 -4.75
CA SER B 259 -10.35 -19.34 -4.29
C SER B 259 -10.95 -19.74 -2.94
N HIS B 260 -10.44 -19.17 -1.84
CA HIS B 260 -10.89 -19.51 -0.47
C HIS B 260 -12.33 -19.09 -0.16
N ASN B 261 -13.10 -18.92 -1.24
CA ASN B 261 -14.52 -18.61 -1.17
C ASN B 261 -15.32 -19.70 -1.88
N ASN B 262 -14.92 -20.06 -3.10
CA ASN B 262 -15.62 -21.10 -3.86
C ASN B 262 -14.75 -21.95 -4.79
N GLY B 263 -13.81 -21.31 -5.47
CA GLY B 263 -13.04 -21.93 -6.54
C GLY B 263 -12.08 -23.05 -6.18
N GLN B 264 -11.61 -23.08 -4.93
CA GLN B 264 -10.51 -23.97 -4.55
C GLN B 264 -10.22 -24.08 -3.05
N LEU B 265 -10.39 -22.98 -2.33
CA LEU B 265 -9.86 -22.81 -0.96
C LEU B 265 -8.34 -22.99 -1.06
N GLU B 266 -7.73 -22.21 -1.97
CA GLU B 266 -6.38 -22.51 -2.46
C GLU B 266 -5.25 -22.55 -1.46
N GLN B 267 -4.65 -23.74 -1.34
CA GLN B 267 -3.39 -23.92 -0.65
C GLN B 267 -2.25 -23.62 -1.63
N ILE B 268 -2.61 -23.26 -2.86
CA ILE B 268 -1.63 -23.02 -3.93
C ILE B 268 -1.22 -21.55 -4.03
N VAL B 269 -1.90 -20.67 -3.31
CA VAL B 269 -1.71 -19.21 -3.45
C VAL B 269 -0.48 -18.62 -2.73
N ASP B 270 0.12 -19.35 -1.79
CA ASP B 270 1.22 -18.81 -0.99
C ASP B 270 2.63 -19.26 -1.45
N PRO B 271 3.70 -18.60 -0.95
CA PRO B 271 5.01 -18.74 -1.60
C PRO B 271 5.73 -20.03 -1.22
N ASN B 272 6.61 -19.96 -0.22
CA ASN B 272 7.16 -21.13 0.42
C ASN B 272 6.92 -21.07 1.93
N LEU B 273 5.65 -21.16 2.30
CA LEU B 273 5.24 -21.42 3.67
C LEU B 273 5.08 -22.94 3.89
N ALA B 274 5.51 -23.72 2.89
CA ALA B 274 5.63 -25.18 2.97
C ALA B 274 4.41 -25.91 3.57
N ASP B 275 4.68 -27.00 4.29
CA ASP B 275 3.67 -27.71 5.07
C ASP B 275 3.75 -27.28 6.53
N LYS B 276 3.57 -25.97 6.76
CA LYS B 276 3.76 -25.38 8.08
C LYS B 276 2.46 -24.84 8.68
N ILE B 277 1.45 -24.63 7.83
CA ILE B 277 0.15 -24.17 8.29
C ILE B 277 -0.78 -25.34 8.48
N ARG B 278 -1.32 -25.46 9.69
CA ARG B 278 -2.34 -26.44 10.02
C ARG B 278 -3.61 -26.14 9.22
N PRO B 279 -4.07 -27.09 8.38
CA PRO B 279 -5.16 -26.87 7.41
C PRO B 279 -6.37 -26.14 8.00
N GLU B 280 -6.75 -26.51 9.22
CA GLU B 280 -7.86 -25.89 9.92
C GLU B 280 -7.65 -24.39 10.19
N SER B 281 -6.41 -24.00 10.47
CA SER B 281 -6.09 -22.58 10.71
C SER B 281 -6.01 -21.82 9.39
N LEU B 282 -5.57 -22.52 8.35
CA LEU B 282 -5.54 -21.99 6.99
C LEU B 282 -6.95 -21.69 6.50
N ARG B 283 -7.91 -22.57 6.80
CA ARG B 283 -9.30 -22.31 6.46
C ARG B 283 -9.81 -21.09 7.24
N LYS B 284 -9.47 -21.04 8.52
CA LYS B 284 -9.94 -19.99 9.39
C LYS B 284 -9.39 -18.64 8.96
N PHE B 285 -8.09 -18.60 8.68
CA PHE B 285 -7.43 -17.36 8.27
C PHE B 285 -7.99 -16.86 6.94
N GLY B 286 -8.11 -17.78 5.98
CA GLY B 286 -8.64 -17.46 4.66
C GLY B 286 -10.10 -17.07 4.70
N ASP B 287 -10.87 -17.72 5.58
CA ASP B 287 -12.30 -17.45 5.69
C ASP B 287 -12.55 -16.03 6.18
N THR B 288 -11.80 -15.66 7.22
CA THR B 288 -11.82 -14.32 7.80
C THR B 288 -11.44 -13.25 6.78
N ALA B 289 -10.32 -13.48 6.09
CA ALA B 289 -9.84 -12.59 5.04
C ALA B 289 -10.80 -12.50 3.87
N VAL B 290 -11.55 -13.58 3.61
CA VAL B 290 -12.57 -13.56 2.56
C VAL B 290 -13.77 -12.72 3.00
N LYS B 291 -14.18 -12.90 4.26
CA LYS B 291 -15.30 -12.16 4.86
C LYS B 291 -15.03 -10.65 4.98
N CYS B 292 -13.76 -10.29 5.11
CA CYS B 292 -13.38 -8.90 5.18
C CYS B 292 -13.63 -8.24 3.84
N LEU B 293 -13.52 -9.02 2.78
CA LEU B 293 -13.54 -8.48 1.44
C LEU B 293 -14.92 -8.54 0.80
N ALA B 294 -15.94 -8.82 1.60
CA ALA B 294 -17.32 -8.78 1.14
C ALA B 294 -17.55 -7.47 0.40
N LEU B 295 -18.27 -7.52 -0.72
CA LEU B 295 -18.46 -6.32 -1.57
C LEU B 295 -19.18 -5.20 -0.83
N SER B 296 -20.25 -5.57 -0.13
CA SER B 296 -20.95 -4.62 0.72
C SER B 296 -20.36 -4.68 2.14
N SER B 297 -20.20 -3.49 2.73
CA SER B 297 -19.70 -3.35 4.09
C SER B 297 -20.63 -4.00 5.12
N GLU B 298 -21.87 -4.23 4.71
CA GLU B 298 -22.87 -4.78 5.60
C GLU B 298 -22.46 -6.16 6.11
N ASP B 299 -21.88 -6.96 5.22
CA ASP B 299 -21.53 -8.36 5.51
C ASP B 299 -20.16 -8.58 6.14
N ARG B 300 -19.34 -7.54 6.18
CA ARG B 300 -17.99 -7.64 6.70
C ARG B 300 -18.02 -7.70 8.23
N PRO B 301 -17.07 -8.45 8.84
CA PRO B 301 -16.97 -8.53 10.30
C PRO B 301 -16.40 -7.24 10.88
N SER B 302 -16.74 -6.92 12.12
CA SER B 302 -16.05 -5.80 12.79
C SER B 302 -14.62 -6.24 13.13
N MET B 303 -13.67 -5.30 13.09
CA MET B 303 -12.29 -5.56 13.51
C MET B 303 -12.25 -6.32 14.84
N GLY B 304 -13.21 -6.04 15.71
CA GLY B 304 -13.39 -6.79 16.94
C GLY B 304 -13.50 -8.28 16.70
N ASP B 305 -14.40 -8.69 15.80
CA ASP B 305 -14.55 -10.10 15.44
C ASP B 305 -13.36 -10.61 14.64
N VAL B 306 -12.91 -9.81 13.67
CA VAL B 306 -11.67 -10.09 12.92
C VAL B 306 -10.56 -10.46 13.91
N LEU B 307 -10.44 -9.66 14.97
CA LEU B 307 -9.46 -9.91 16.02
C LEU B 307 -9.66 -11.28 16.68
N TRP B 308 -10.88 -11.57 17.10
CA TRP B 308 -11.17 -12.82 17.78
C TRP B 308 -10.88 -14.02 16.87
N LYS B 309 -11.26 -13.88 15.61
CA LYS B 309 -11.04 -14.90 14.58
C LYS B 309 -9.55 -15.20 14.40
N LEU B 310 -8.74 -14.14 14.28
CA LEU B 310 -7.28 -14.29 14.13
C LEU B 310 -6.63 -14.99 15.33
N GLU B 311 -7.03 -14.59 16.54
CA GLU B 311 -6.53 -15.19 17.76
C GLU B 311 -6.89 -16.66 17.84
N TYR B 312 -8.07 -16.97 17.31
CA TYR B 312 -8.59 -18.34 17.30
C TYR B 312 -7.89 -19.19 16.24
N ALA B 313 -7.49 -18.56 15.14
CA ALA B 313 -6.71 -19.21 14.10
C ALA B 313 -5.27 -19.49 14.54
N LEU B 314 -4.70 -18.61 15.36
CA LEU B 314 -3.43 -18.88 16.02
C LEU B 314 -3.62 -20.03 17.00
N ARG B 315 -4.74 -19.96 17.73
CA ARG B 315 -5.15 -21.02 18.64
C ARG B 315 -5.29 -22.34 17.90
N LEU B 316 -5.90 -22.32 16.72
CA LEU B 316 -6.13 -23.54 15.94
C LEU B 316 -4.84 -24.10 15.34
N GLN B 317 -3.87 -24.35 16.21
CA GLN B 317 -2.57 -24.92 15.85
C GLN B 317 -2.05 -25.82 16.97
N GLU B 318 -2.88 -26.72 17.50
CA GLU B 318 -2.43 -27.52 18.68
C GLU B 318 -3.04 -28.91 19.03
N SER B 319 -4.33 -28.97 19.35
CA SER B 319 -4.93 -30.09 20.13
C SER B 319 -5.16 -31.44 19.42
N VAL B 320 -5.10 -32.53 20.20
CA VAL B 320 -5.34 -33.89 19.67
C VAL B 320 -6.82 -34.20 19.44
N ILE B 321 -7.08 -35.31 18.73
CA ILE B 321 -8.41 -35.79 18.33
C ILE B 321 -9.49 -35.66 19.42
#